data_8E3D
#
_entry.id   8E3D
#
_cell.length_a   196.181
_cell.length_b   196.181
_cell.length_c   54.964
_cell.angle_alpha   90.000
_cell.angle_beta   90.000
_cell.angle_gamma   120.000
#
_symmetry.space_group_name_H-M   'P 6'
#
loop_
_entity.id
_entity.type
_entity.pdbx_description
1 polymer 'Zinc finger and BTB domain-containing protein 7A'
2 polymer "DNA (5'-D(*AP*TP*TP*TP*GP*GP*GP*GP*AP*GP*GP*GP*GP*TP*CP*TP*TP*TP*AP*AP*CP*C)-3')"
3 polymer "DNA (5'-D(P*GP*GP*TP*AP*AP*AP*AP*GP*AP*CP*CP*CP*CP*TP*CP*CP*CP*CP*AP*AP*AP*T)-3')"
4 non-polymer 1,2-ETHANEDIOL
5 non-polymer 'ZINC ION'
6 water water
#
loop_
_entity_poly.entity_id
_entity_poly.type
_entity_poly.pdbx_seq_one_letter_code
_entity_poly.pdbx_strand_id
1 'polypeptide(L)'
;GPLGSAFQKCPICEKVIQGAGKLPRHIRTHTGEKPYECNICKVRFTRQDKLKVHMRKHTGEKPYLCQQCGAAFAHNYDLK
NHMRVHTGLRPYQCDSCCKTFVRSDHLHRHLKKDGCNGVPSRRGRKLERPHRD
;
A,B,F
2 'polydeoxyribonucleotide'
;(DA)(DT)(DT)(DT)(DG)(DG)(DG)(DG)(DA)(DG)(DG)(DG)(DG)(DT)(DC)(DT)(DT)(DT)(DA)(DA)
(DC)(DC)
;
X,D,H
3 'polydeoxyribonucleotide'
;(DG)(DG)(DT)(DA)(DA)(DA)(DA)(DG)(DA)(DC)(DC)(DC)(DC)(DT)(DC)(DC)(DC)(DC)(DA)(DA)
(DA)(DT)
;
Y,E,I
#
loop_
_chem_comp.id
_chem_comp.type
_chem_comp.name
_chem_comp.formula
DA DNA linking 2'-DEOXYADENOSINE-5'-MONOPHOSPHATE 'C10 H14 N5 O6 P'
DC DNA linking 2'-DEOXYCYTIDINE-5'-MONOPHOSPHATE 'C9 H14 N3 O7 P'
DG DNA linking 2'-DEOXYGUANOSINE-5'-MONOPHOSPHATE 'C10 H14 N5 O7 P'
DT DNA linking THYMIDINE-5'-MONOPHOSPHATE 'C10 H15 N2 O8 P'
EDO non-polymer 1,2-ETHANEDIOL 'C2 H6 O2'
ZN non-polymer 'ZINC ION' 'Zn 2'
#
# COMPACT_ATOMS: atom_id res chain seq x y z
N PHE A 7 -22.05 29.22 31.54
CA PHE A 7 -23.45 28.80 31.59
C PHE A 7 -23.76 28.09 32.90
N GLN A 8 -23.72 26.76 32.87
CA GLN A 8 -24.02 25.92 34.01
C GLN A 8 -22.77 25.18 34.47
N LYS A 9 -22.60 25.07 35.78
CA LYS A 9 -21.46 24.37 36.37
C LYS A 9 -21.85 22.93 36.67
N CYS A 10 -20.87 22.04 36.56
CA CYS A 10 -21.07 20.65 36.94
C CYS A 10 -21.32 20.56 38.43
N PRO A 11 -22.34 19.81 38.88
CA PRO A 11 -22.57 19.68 40.33
C PRO A 11 -21.46 18.95 41.06
N ILE A 12 -20.62 18.19 40.36
CA ILE A 12 -19.60 17.38 41.00
C ILE A 12 -18.26 18.11 41.01
N CYS A 13 -17.73 18.43 39.82
CA CYS A 13 -16.41 19.03 39.70
C CYS A 13 -16.45 20.53 39.50
N GLU A 14 -17.63 21.14 39.45
CA GLU A 14 -17.82 22.59 39.34
C GLU A 14 -17.24 23.17 38.04
N LYS A 15 -16.95 22.32 37.06
CA LYS A 15 -16.46 22.79 35.78
C LYS A 15 -17.57 23.47 34.99
N VAL A 16 -17.22 24.54 34.28
CA VAL A 16 -18.18 25.27 33.47
C VAL A 16 -18.41 24.51 32.17
N ILE A 17 -19.67 24.25 31.85
CA ILE A 17 -20.05 23.54 30.64
C ILE A 17 -20.80 24.54 29.76
N GLN A 18 -20.13 25.04 28.73
CA GLN A 18 -20.73 26.05 27.86
C GLN A 18 -21.76 25.46 26.90
N GLY A 19 -21.74 24.14 26.70
CA GLY A 19 -22.71 23.50 25.82
C GLY A 19 -24.13 23.69 26.26
N ALA A 20 -25.00 24.13 25.35
CA ALA A 20 -26.40 24.38 25.66
C ALA A 20 -27.13 23.05 25.79
N GLY A 21 -27.57 22.73 27.01
CA GLY A 21 -28.21 21.45 27.24
C GLY A 21 -27.27 20.27 27.31
N LYS A 22 -25.97 20.52 27.49
CA LYS A 22 -24.98 19.46 27.52
C LYS A 22 -24.47 19.13 28.92
N LEU A 23 -25.04 19.75 29.96
CA LEU A 23 -24.62 19.44 31.32
C LEU A 23 -24.86 17.99 31.72
N PRO A 24 -26.02 17.37 31.45
CA PRO A 24 -26.16 15.94 31.76
C PRO A 24 -25.13 15.06 31.06
N ARG A 25 -24.78 15.41 29.81
CA ARG A 25 -23.78 14.64 29.08
C ARG A 25 -22.43 14.67 29.80
N HIS A 26 -22.04 15.84 30.31
CA HIS A 26 -20.80 15.92 31.08
C HIS A 26 -20.92 15.20 32.42
N ILE A 27 -22.08 15.30 33.07
CA ILE A 27 -22.27 14.64 34.35
C ILE A 27 -22.09 13.14 34.18
N ARG A 28 -22.56 12.59 33.06
CA ARG A 28 -22.39 11.16 32.82
C ARG A 28 -20.93 10.75 32.66
N THR A 29 -20.02 11.72 32.43
CA THR A 29 -18.61 11.38 32.27
C THR A 29 -17.98 10.91 33.58
N HIS A 30 -18.52 11.32 34.73
CA HIS A 30 -17.91 11.00 36.00
C HIS A 30 -18.17 9.57 36.45
N THR A 31 -19.18 8.90 35.90
CA THR A 31 -19.47 7.53 36.30
C THR A 31 -18.57 6.51 35.62
N GLY A 32 -18.02 6.83 34.45
CA GLY A 32 -17.15 5.91 33.75
C GLY A 32 -17.84 4.74 33.08
N GLU A 33 -19.16 4.79 32.94
CA GLU A 33 -19.91 3.72 32.32
C GLU A 33 -20.07 3.95 30.82
N LYS A 34 -20.35 2.85 30.10
CA LYS A 34 -20.55 2.86 28.65
C LYS A 34 -21.91 2.24 28.37
N PRO A 35 -22.99 3.03 28.48
CA PRO A 35 -24.34 2.45 28.34
C PRO A 35 -24.72 2.09 26.92
N TYR A 36 -23.98 2.54 25.91
CA TYR A 36 -24.29 2.24 24.52
C TYR A 36 -23.41 1.12 24.02
N GLU A 37 -24.03 0.12 23.38
CA GLU A 37 -23.34 -1.07 22.92
C GLU A 37 -23.70 -1.36 21.46
N CYS A 38 -22.71 -1.82 20.70
CA CYS A 38 -22.95 -2.29 19.35
C CYS A 38 -23.45 -3.74 19.41
N ASN A 39 -24.65 -3.98 18.88
CA ASN A 39 -25.25 -5.31 18.97
C ASN A 39 -24.48 -6.35 18.16
N ILE A 40 -23.63 -5.92 17.23
CA ILE A 40 -22.94 -6.85 16.35
C ILE A 40 -21.61 -7.30 16.96
N CYS A 41 -20.71 -6.35 17.23
CA CYS A 41 -19.38 -6.66 17.72
C CYS A 41 -19.24 -6.50 19.24
N LYS A 42 -20.31 -6.14 19.93
CA LYS A 42 -20.38 -6.06 21.40
C LYS A 42 -19.49 -4.99 22.00
N VAL A 43 -18.96 -4.07 21.19
CA VAL A 43 -18.14 -2.99 21.72
C VAL A 43 -19.05 -1.94 22.36
N ARG A 44 -18.69 -1.52 23.57
CA ARG A 44 -19.46 -0.56 24.33
C ARG A 44 -18.93 0.84 24.13
N PHE A 45 -19.83 1.83 24.13
CA PHE A 45 -19.48 3.22 23.92
C PHE A 45 -20.11 4.10 24.99
N THR A 46 -19.45 5.23 25.25
CA THR A 46 -19.98 6.18 26.22
C THR A 46 -21.16 6.97 25.66
N ARG A 47 -21.11 7.33 24.39
CA ARG A 47 -22.09 8.24 23.79
C ARG A 47 -22.70 7.61 22.54
N GLN A 48 -23.92 8.07 22.22
CA GLN A 48 -24.67 7.49 21.12
C GLN A 48 -24.08 7.85 19.76
N ASP A 49 -23.60 9.09 19.60
CA ASP A 49 -23.07 9.51 18.31
C ASP A 49 -21.85 8.68 17.90
N LYS A 50 -20.97 8.38 18.86
CA LYS A 50 -19.84 7.52 18.58
C LYS A 50 -20.32 6.12 18.18
N LEU A 51 -21.39 5.64 18.81
CA LEU A 51 -21.93 4.33 18.44
C LEU A 51 -22.44 4.33 17.01
N LYS A 52 -23.11 5.41 16.59
CA LYS A 52 -23.60 5.49 15.21
C LYS A 52 -22.45 5.53 14.21
N VAL A 53 -21.44 6.35 14.51
CA VAL A 53 -20.28 6.43 13.63
C VAL A 53 -19.58 5.08 13.53
N HIS A 54 -19.53 4.34 14.65
CA HIS A 54 -18.99 2.98 14.63
C HIS A 54 -19.87 2.06 13.79
N MET A 55 -21.19 2.16 13.92
CA MET A 55 -22.09 1.30 13.18
C MET A 55 -21.92 1.51 11.67
N ARG A 56 -21.45 2.70 11.28
CA ARG A 56 -21.08 2.89 9.88
C ARG A 56 -20.06 1.86 9.41
N LYS A 57 -19.22 1.36 10.32
CA LYS A 57 -18.24 0.34 9.96
C LYS A 57 -18.90 -0.94 9.53
N HIS A 58 -19.95 -1.37 10.25
CA HIS A 58 -20.65 -2.58 9.88
C HIS A 58 -21.55 -2.39 8.67
N THR A 59 -22.19 -1.23 8.57
CA THR A 59 -23.11 -1.00 7.46
C THR A 59 -22.40 -0.73 6.14
N GLY A 60 -21.15 -0.26 6.17
CA GLY A 60 -20.46 0.11 4.96
C GLY A 60 -20.82 1.49 4.44
N GLU A 61 -21.63 2.25 5.18
CA GLU A 61 -22.04 3.58 4.76
C GLU A 61 -20.84 4.53 4.76
N LYS A 62 -20.73 5.31 3.69
CA LYS A 62 -19.68 6.31 3.53
C LYS A 62 -20.31 7.63 3.11
N PRO A 63 -20.83 8.40 4.08
CA PRO A 63 -21.59 9.61 3.74
C PRO A 63 -20.75 10.81 3.36
N TYR A 64 -19.43 10.75 3.48
CA TYR A 64 -18.56 11.89 3.19
C TYR A 64 -18.02 11.73 1.77
N LEU A 65 -18.31 12.72 0.93
CA LEU A 65 -18.03 12.64 -0.50
C LEU A 65 -17.02 13.70 -0.91
N CYS A 66 -16.06 13.31 -1.75
CA CYS A 66 -15.12 14.24 -2.33
C CYS A 66 -15.75 14.91 -3.55
N GLN A 67 -15.77 16.24 -3.55
CA GLN A 67 -16.44 16.99 -4.61
C GLN A 67 -15.67 17.02 -5.92
N GLN A 68 -14.42 16.56 -5.93
CA GLN A 68 -13.60 16.60 -7.13
C GLN A 68 -13.50 15.26 -7.85
N CYS A 69 -13.47 14.15 -7.12
CA CYS A 69 -13.35 12.83 -7.73
C CYS A 69 -14.43 11.85 -7.31
N GLY A 70 -15.32 12.23 -6.39
CA GLY A 70 -16.42 11.37 -5.99
C GLY A 70 -16.08 10.28 -5.00
N ALA A 71 -14.85 10.25 -4.47
CA ALA A 71 -14.50 9.25 -3.48
C ALA A 71 -15.33 9.43 -2.22
N ALA A 72 -15.68 8.32 -1.59
CA ALA A 72 -16.54 8.32 -0.42
C ALA A 72 -15.79 7.76 0.79
N PHE A 73 -16.11 8.27 1.97
CA PHE A 73 -15.44 7.88 3.20
C PHE A 73 -16.44 7.89 4.36
N ALA A 74 -16.14 7.07 5.37
CA ALA A 74 -17.03 6.96 6.53
C ALA A 74 -16.78 8.06 7.56
N HIS A 75 -15.68 8.78 7.48
CA HIS A 75 -15.33 9.79 8.48
C HIS A 75 -14.92 11.09 7.80
N ASN A 76 -15.15 12.20 8.49
CA ASN A 76 -14.82 13.52 7.96
C ASN A 76 -13.30 13.67 7.78
N TYR A 77 -12.53 13.20 8.76
CA TYR A 77 -11.08 13.32 8.66
C TYR A 77 -10.53 12.49 7.49
N ASP A 78 -11.15 11.35 7.20
CA ASP A 78 -10.76 10.61 6.01
C ASP A 78 -10.95 11.46 4.77
N LEU A 79 -12.07 12.18 4.69
CA LEU A 79 -12.31 13.05 3.54
C LEU A 79 -11.27 14.16 3.45
N LYS A 80 -10.90 14.78 4.58
CA LYS A 80 -9.89 15.84 4.55
C LYS A 80 -8.53 15.30 4.12
N ASN A 81 -8.09 14.20 4.74
CA ASN A 81 -6.81 13.60 4.41
C ASN A 81 -6.78 13.16 2.94
N HIS A 82 -7.93 12.79 2.40
CA HIS A 82 -8.02 12.49 0.98
C HIS A 82 -7.94 13.77 0.14
N MET A 83 -8.59 14.83 0.58
CA MET A 83 -8.55 16.10 -0.16
C MET A 83 -7.12 16.60 -0.30
N ARG A 84 -6.27 16.27 0.67
CA ARG A 84 -4.88 16.65 0.52
C ARG A 84 -4.17 15.86 -0.59
N VAL A 85 -4.82 14.82 -1.15
CA VAL A 85 -4.30 14.21 -2.37
C VAL A 85 -4.53 15.12 -3.56
N HIS A 86 -5.64 15.88 -3.56
CA HIS A 86 -5.87 16.82 -4.64
C HIS A 86 -5.09 18.12 -4.43
N THR A 87 -4.97 18.58 -3.19
CA THR A 87 -4.29 19.83 -2.92
C THR A 87 -2.80 19.66 -2.65
N GLY A 88 -2.38 18.49 -2.18
CA GLY A 88 -0.98 18.31 -1.80
C GLY A 88 -0.54 19.11 -0.60
N LEU A 89 -1.47 19.66 0.17
CA LEU A 89 -1.15 20.56 1.26
C LEU A 89 -1.18 19.82 2.59
N ARG A 90 -0.09 19.92 3.33
CA ARG A 90 -0.05 19.40 4.69
C ARG A 90 -0.67 20.45 5.62
N PRO A 91 -1.78 20.15 6.29
CA PRO A 91 -2.62 21.21 6.86
C PRO A 91 -2.05 21.89 8.11
N TYR A 92 -1.26 21.19 8.91
CA TYR A 92 -0.78 21.72 10.19
C TYR A 92 0.71 22.02 10.10
N GLN A 93 1.09 23.22 10.53
CA GLN A 93 2.49 23.66 10.49
C GLN A 93 2.91 24.14 11.87
N CYS A 94 4.11 23.76 12.28
CA CYS A 94 4.66 24.25 13.53
C CYS A 94 5.08 25.71 13.40
N ASP A 95 4.75 26.50 14.42
CA ASP A 95 5.08 27.93 14.42
C ASP A 95 6.54 28.19 14.76
N SER A 96 7.35 27.16 15.03
CA SER A 96 8.69 27.36 15.55
C SER A 96 9.80 26.56 14.88
N CYS A 97 9.50 25.47 14.16
CA CYS A 97 10.56 24.60 13.67
C CYS A 97 10.41 24.17 12.22
N CYS A 98 9.49 24.79 11.46
CA CYS A 98 9.31 24.62 10.02
C CYS A 98 8.75 23.24 9.65
N LYS A 99 8.53 22.35 10.61
CA LYS A 99 7.91 21.06 10.29
C LYS A 99 6.42 21.24 10.02
N THR A 100 5.86 20.30 9.27
CA THR A 100 4.43 20.26 8.97
C THR A 100 3.90 18.87 9.29
N PHE A 101 2.58 18.80 9.50
CA PHE A 101 1.95 17.55 9.91
C PHE A 101 0.58 17.41 9.26
N VAL A 102 0.11 16.17 9.20
CA VAL A 102 -1.16 15.85 8.54
C VAL A 102 -2.32 15.67 9.49
N ARG A 103 -2.06 15.58 10.80
CA ARG A 103 -3.12 15.54 11.80
C ARG A 103 -2.72 16.41 12.98
N SER A 104 -3.72 17.00 13.62
CA SER A 104 -3.45 18.00 14.67
C SER A 104 -2.70 17.39 15.85
N ASP A 105 -3.09 16.18 16.26
CA ASP A 105 -2.41 15.53 17.37
C ASP A 105 -0.96 15.22 17.04
N HIS A 106 -0.61 15.07 15.76
CA HIS A 106 0.80 14.92 15.40
C HIS A 106 1.58 16.20 15.73
N LEU A 107 1.02 17.37 15.40
CA LEU A 107 1.66 18.62 15.76
C LEU A 107 1.75 18.79 17.27
N HIS A 108 0.68 18.40 17.98
CA HIS A 108 0.71 18.49 19.43
C HIS A 108 1.79 17.58 20.02
N ARG A 109 1.94 16.38 19.47
CA ARG A 109 2.97 15.46 19.92
C ARG A 109 4.36 16.01 19.64
N HIS A 110 4.55 16.63 18.47
CA HIS A 110 5.83 17.24 18.16
C HIS A 110 6.17 18.36 19.14
N LEU A 111 5.19 19.21 19.45
CA LEU A 111 5.43 20.27 20.42
C LEU A 111 5.67 19.71 21.82
N LYS A 112 5.05 18.57 22.14
CA LYS A 112 5.21 17.99 23.47
C LYS A 112 6.59 17.34 23.63
N LYS A 113 7.11 16.73 22.57
CA LYS A 113 8.34 15.95 22.67
C LYS A 113 9.59 16.79 22.37
N ASP A 114 9.68 17.33 21.16
CA ASP A 114 10.89 18.03 20.72
C ASP A 114 10.97 19.43 21.33
N GLY A 115 12.18 19.84 21.66
CA GLY A 115 12.38 21.21 22.11
C GLY A 115 12.05 22.23 21.03
N CYS A 116 12.55 21.99 19.81
CA CYS A 116 12.10 22.68 18.60
C CYS A 116 12.59 24.12 18.53
N ASN A 117 13.25 24.59 19.58
CA ASN A 117 13.67 25.99 19.68
C ASN A 117 14.47 26.23 20.95
N GLY D 4 35.57 12.34 1.79
CA GLY D 4 36.75 12.48 2.62
C GLY D 4 37.28 11.15 3.12
N SER D 5 38.60 10.98 3.07
CA SER D 5 39.23 9.76 3.52
C SER D 5 39.25 9.70 5.05
N ALA D 6 39.46 8.48 5.56
CA ALA D 6 39.54 8.23 7.00
C ALA D 6 40.93 7.78 7.35
N PHE D 7 41.54 8.43 8.35
CA PHE D 7 42.88 8.11 8.80
C PHE D 7 42.88 7.85 10.29
N GLN D 8 43.78 6.98 10.72
CA GLN D 8 43.91 6.63 12.13
C GLN D 8 45.38 6.55 12.50
N LYS D 9 45.68 6.81 13.76
CA LYS D 9 47.05 6.72 14.27
C LYS D 9 47.22 5.42 15.03
N CYS D 10 48.27 4.68 14.69
CA CYS D 10 48.51 3.39 15.35
C CYS D 10 48.91 3.62 16.79
N PRO D 11 48.23 3.01 17.77
CA PRO D 11 48.61 3.22 19.17
C PRO D 11 49.97 2.65 19.52
N ILE D 12 50.53 1.79 18.69
CA ILE D 12 51.79 1.11 19.00
C ILE D 12 52.96 1.84 18.38
N CYS D 13 52.95 2.00 17.05
CA CYS D 13 54.07 2.57 16.32
C CYS D 13 53.83 4.00 15.85
N GLU D 14 52.66 4.58 16.13
CA GLU D 14 52.34 5.97 15.77
C GLU D 14 52.51 6.21 14.27
N LYS D 15 51.88 5.35 13.48
CA LYS D 15 51.92 5.44 12.03
C LYS D 15 50.50 5.59 11.49
N VAL D 16 50.35 6.44 10.49
CA VAL D 16 49.03 6.78 9.96
C VAL D 16 48.56 5.66 9.02
N ILE D 17 47.46 5.01 9.40
CA ILE D 17 46.83 3.97 8.60
C ILE D 17 45.57 4.55 7.96
N GLN D 18 45.41 4.31 6.66
CA GLN D 18 44.30 4.84 5.90
C GLN D 18 43.18 3.80 5.79
N GLY D 19 41.95 4.27 5.86
CA GLY D 19 40.80 3.41 5.66
C GLY D 19 40.08 3.10 6.96
N ALA D 20 38.75 3.13 6.91
CA ALA D 20 37.95 2.75 8.07
C ALA D 20 37.95 1.25 8.24
N GLY D 21 38.28 0.79 9.45
CA GLY D 21 38.35 -0.62 9.72
C GLY D 21 39.64 -1.29 9.31
N LYS D 22 40.61 -0.55 8.79
CA LYS D 22 41.89 -1.11 8.38
C LYS D 22 42.92 -1.09 9.51
N LEU D 23 42.58 -0.54 10.68
CA LEU D 23 43.50 -0.57 11.82
C LEU D 23 43.75 -1.98 12.33
N PRO D 24 42.73 -2.84 12.52
CA PRO D 24 43.00 -4.18 13.11
C PRO D 24 44.03 -5.01 12.37
N ARG D 25 44.07 -4.97 11.04
CA ARG D 25 45.07 -5.77 10.33
C ARG D 25 46.48 -5.27 10.62
N HIS D 26 46.65 -3.96 10.71
CA HIS D 26 47.95 -3.41 11.09
C HIS D 26 48.33 -3.82 12.52
N ILE D 27 47.37 -3.77 13.43
CA ILE D 27 47.65 -4.20 14.80
C ILE D 27 48.06 -5.67 14.80
N ARG D 28 47.43 -6.48 13.93
CA ARG D 28 47.82 -7.89 13.84
C ARG D 28 49.20 -8.06 13.25
N THR D 29 49.59 -7.20 12.30
CA THR D 29 50.98 -7.20 11.85
C THR D 29 51.91 -6.96 13.02
N HIS D 30 51.50 -6.10 13.96
CA HIS D 30 52.30 -5.87 15.16
C HIS D 30 52.32 -7.11 16.06
N THR D 31 51.15 -7.71 16.29
CA THR D 31 51.00 -8.75 17.31
C THR D 31 51.15 -10.16 16.78
N GLY D 32 51.07 -10.36 15.47
CA GLY D 32 51.15 -11.70 14.92
C GLY D 32 49.90 -12.55 15.07
N GLU D 33 48.79 -11.95 15.47
CA GLU D 33 47.54 -12.69 15.60
C GLU D 33 47.03 -13.10 14.22
N LYS D 34 46.67 -14.38 14.08
CA LYS D 34 46.18 -14.94 12.83
C LYS D 34 44.85 -15.64 13.09
N PRO D 35 43.76 -14.87 13.15
CA PRO D 35 42.46 -15.47 13.49
C PRO D 35 41.74 -16.15 12.34
N TYR D 36 42.29 -16.13 11.13
CA TYR D 36 41.67 -16.75 9.96
C TYR D 36 42.42 -18.02 9.61
N GLU D 37 41.73 -19.15 9.66
CA GLU D 37 42.33 -20.45 9.45
C GLU D 37 41.62 -21.17 8.31
N CYS D 38 42.40 -21.72 7.39
CA CYS D 38 41.85 -22.59 6.35
C CYS D 38 41.43 -23.92 6.97
N ASN D 39 40.23 -24.37 6.64
CA ASN D 39 39.72 -25.61 7.24
C ASN D 39 40.25 -26.86 6.56
N ILE D 40 41.06 -26.74 5.52
CA ILE D 40 41.57 -27.89 4.80
C ILE D 40 43.00 -28.20 5.22
N CYS D 41 43.92 -27.26 4.99
CA CYS D 41 45.32 -27.44 5.32
C CYS D 41 45.72 -26.80 6.66
N LYS D 42 44.76 -26.19 7.36
CA LYS D 42 44.93 -25.66 8.72
C LYS D 42 45.89 -24.49 8.82
N VAL D 43 46.36 -23.94 7.69
CA VAL D 43 47.23 -22.77 7.76
C VAL D 43 46.41 -21.55 8.14
N ARG D 44 47.03 -20.63 8.87
CA ARG D 44 46.34 -19.46 9.41
C ARG D 44 46.85 -18.18 8.77
N PHE D 45 45.99 -17.17 8.74
CA PHE D 45 46.29 -15.89 8.11
C PHE D 45 45.87 -14.74 9.01
N THR D 46 46.57 -13.61 8.86
CA THR D 46 46.22 -12.40 9.58
C THR D 46 45.00 -11.69 8.99
N ARG D 47 44.70 -11.90 7.70
CA ARG D 47 43.67 -11.17 7.01
C ARG D 47 42.77 -12.12 6.24
N GLN D 48 41.51 -11.71 6.08
CA GLN D 48 40.51 -12.57 5.42
C GLN D 48 40.71 -12.64 3.92
N ASP D 49 41.11 -11.54 3.28
CA ASP D 49 41.32 -11.54 1.84
C ASP D 49 42.45 -12.49 1.45
N LYS D 50 43.53 -12.51 2.24
CA LYS D 50 44.58 -13.48 2.00
C LYS D 50 44.05 -14.90 2.15
N LEU D 51 43.15 -15.12 3.10
CA LEU D 51 42.55 -16.44 3.25
C LEU D 51 41.76 -16.84 2.02
N LYS D 52 40.99 -15.91 1.45
CA LYS D 52 40.22 -16.22 0.24
C LYS D 52 41.14 -16.54 -0.93
N VAL D 53 42.20 -15.73 -1.10
CA VAL D 53 43.17 -15.99 -2.15
C VAL D 53 43.79 -17.37 -1.97
N HIS D 54 44.08 -17.74 -0.72
CA HIS D 54 44.60 -19.08 -0.44
C HIS D 54 43.58 -20.16 -0.78
N MET D 55 42.31 -19.94 -0.43
CA MET D 55 41.28 -20.94 -0.72
C MET D 55 41.14 -21.17 -2.22
N ARG D 56 41.50 -20.16 -3.02
CA ARG D 56 41.57 -20.39 -4.46
C ARG D 56 42.50 -21.56 -4.81
N LYS D 57 43.54 -21.78 -4.00
CA LYS D 57 44.47 -22.88 -4.26
C LYS D 57 43.76 -24.23 -4.14
N HIS D 58 42.88 -24.38 -3.14
CA HIS D 58 42.15 -25.64 -2.99
C HIS D 58 41.02 -25.76 -4.01
N THR D 59 40.30 -24.67 -4.26
CA THR D 59 39.12 -24.75 -5.13
C THR D 59 39.50 -24.89 -6.60
N GLY D 60 40.71 -24.50 -7.00
CA GLY D 60 41.06 -24.49 -8.40
C GLY D 60 40.45 -23.35 -9.20
N GLU D 61 39.84 -22.38 -8.53
CA GLU D 61 39.19 -21.28 -9.21
C GLU D 61 40.21 -20.42 -9.95
N LYS D 62 39.83 -19.97 -11.15
CA LYS D 62 40.65 -19.08 -11.97
C LYS D 62 39.80 -17.89 -12.38
N PRO D 63 39.57 -16.94 -11.48
CA PRO D 63 38.66 -15.83 -11.79
C PRO D 63 39.26 -14.73 -12.64
N TYR D 64 40.58 -14.78 -12.92
CA TYR D 64 41.23 -13.77 -13.72
C TYR D 64 41.21 -14.22 -15.18
N LEU D 65 40.37 -13.58 -15.99
CA LEU D 65 40.19 -13.95 -17.39
C LEU D 65 40.72 -12.84 -18.30
N CYS D 66 41.52 -13.21 -19.28
CA CYS D 66 42.01 -12.24 -20.25
C CYS D 66 40.87 -11.74 -21.13
N GLN D 67 40.76 -10.41 -21.26
CA GLN D 67 39.71 -9.82 -22.05
C GLN D 67 39.92 -9.96 -23.55
N GLN D 68 41.09 -10.41 -23.99
CA GLN D 68 41.39 -10.57 -25.42
C GLN D 68 41.26 -12.00 -25.90
N CYS D 69 41.88 -12.96 -25.20
CA CYS D 69 41.87 -14.34 -25.64
C CYS D 69 41.08 -15.27 -24.72
N GLY D 70 40.59 -14.77 -23.58
CA GLY D 70 39.75 -15.57 -22.72
C GLY D 70 40.46 -16.54 -21.80
N ALA D 71 41.79 -16.53 -21.78
CA ALA D 71 42.52 -17.42 -20.90
C ALA D 71 42.25 -17.08 -19.44
N ALA D 72 42.19 -18.11 -18.59
CA ALA D 72 41.85 -17.96 -17.19
C ALA D 72 43.05 -18.30 -16.31
N PHE D 73 43.23 -17.53 -15.24
CA PHE D 73 44.35 -17.71 -14.34
C PHE D 73 43.89 -17.49 -12.90
N ALA D 74 44.64 -18.09 -11.97
CA ALA D 74 44.28 -18.01 -10.56
C ALA D 74 44.63 -16.67 -9.93
N HIS D 75 45.71 -16.03 -10.39
CA HIS D 75 46.21 -14.80 -9.76
C HIS D 75 46.38 -13.72 -10.81
N ASN D 76 46.41 -12.47 -10.33
CA ASN D 76 46.53 -11.32 -11.23
C ASN D 76 47.88 -11.27 -11.91
N TYR D 77 48.95 -11.63 -11.19
CA TYR D 77 50.28 -11.60 -11.79
C TYR D 77 50.42 -12.63 -12.90
N ASP D 78 49.78 -13.79 -12.75
CA ASP D 78 49.69 -14.74 -13.85
C ASP D 78 49.01 -14.11 -15.05
N LEU D 79 47.94 -13.36 -14.81
CA LEU D 79 47.22 -12.72 -15.91
C LEU D 79 48.10 -11.69 -16.61
N LYS D 80 48.88 -10.91 -15.85
CA LYS D 80 49.76 -9.93 -16.48
C LYS D 80 50.88 -10.60 -17.28
N ASN D 81 51.47 -11.66 -16.71
CA ASN D 81 52.48 -12.42 -17.46
C ASN D 81 51.90 -12.95 -18.76
N HIS D 82 50.64 -13.38 -18.74
CA HIS D 82 49.98 -13.77 -19.98
C HIS D 82 49.76 -12.58 -20.91
N MET D 83 49.29 -11.46 -20.35
CA MET D 83 49.00 -10.27 -21.16
C MET D 83 50.23 -9.76 -21.88
N ARG D 84 51.42 -10.12 -21.40
CA ARG D 84 52.63 -9.81 -22.16
C ARG D 84 52.58 -10.37 -23.58
N VAL D 85 51.84 -11.47 -23.80
CA VAL D 85 51.77 -12.05 -25.14
C VAL D 85 50.99 -11.16 -26.10
N HIS D 86 50.05 -10.35 -25.59
CA HIS D 86 49.30 -9.47 -26.46
C HIS D 86 50.04 -8.17 -26.73
N THR D 87 50.66 -7.59 -25.71
CA THR D 87 51.48 -6.40 -25.84
C THR D 87 52.90 -6.79 -25.44
N GLY D 88 53.77 -6.94 -26.43
CA GLY D 88 55.09 -7.48 -26.21
C GLY D 88 56.12 -6.55 -25.63
N LEU D 89 55.76 -5.28 -25.42
CA LEU D 89 56.70 -4.33 -24.84
C LEU D 89 56.95 -4.67 -23.38
N ARG D 90 58.23 -4.75 -23.00
CA ARG D 90 58.58 -4.96 -21.61
C ARG D 90 58.28 -3.70 -20.81
N PRO D 91 57.55 -3.80 -19.70
CA PRO D 91 56.87 -2.60 -19.17
C PRO D 91 57.80 -1.55 -18.57
N TYR D 92 58.91 -1.95 -17.96
CA TYR D 92 59.73 -1.05 -17.15
C TYR D 92 61.06 -0.78 -17.83
N GLN D 93 61.51 0.47 -17.77
CA GLN D 93 62.76 0.88 -18.41
C GLN D 93 63.52 1.83 -17.49
N CYS D 94 64.82 1.59 -17.37
CA CYS D 94 65.69 2.53 -16.67
C CYS D 94 65.89 3.79 -17.50
N ASP D 95 65.81 4.94 -16.85
CA ASP D 95 65.99 6.20 -17.56
C ASP D 95 67.46 6.45 -17.91
N SER D 96 68.38 5.89 -17.13
CA SER D 96 69.80 6.17 -17.34
C SER D 96 70.39 5.30 -18.45
N CYS D 97 70.37 3.98 -18.26
CA CYS D 97 71.01 3.06 -19.19
C CYS D 97 70.03 2.45 -20.19
N CYS D 98 68.75 2.83 -20.12
CA CYS D 98 67.71 2.37 -21.04
C CYS D 98 67.53 0.85 -21.03
N LYS D 99 68.01 0.17 -19.99
CA LYS D 99 67.70 -1.24 -19.84
C LYS D 99 66.22 -1.42 -19.50
N THR D 100 65.71 -2.62 -19.76
CA THR D 100 64.30 -2.89 -19.64
C THR D 100 64.05 -4.15 -18.81
N PHE D 101 62.93 -4.16 -18.10
CA PHE D 101 62.61 -5.23 -17.15
C PHE D 101 61.12 -5.54 -17.21
N VAL D 102 60.78 -6.75 -16.78
CA VAL D 102 59.40 -7.22 -16.88
C VAL D 102 58.60 -7.00 -15.59
N ARG D 103 59.26 -6.86 -14.45
CA ARG D 103 58.59 -6.62 -13.18
C ARG D 103 59.21 -5.42 -12.49
N SER D 104 58.39 -4.72 -11.71
CA SER D 104 58.83 -3.46 -11.11
C SER D 104 59.99 -3.68 -10.13
N ASP D 105 59.94 -4.75 -9.35
CA ASP D 105 61.00 -5.00 -8.38
C ASP D 105 62.33 -5.29 -9.08
N HIS D 106 62.30 -5.81 -10.31
CA HIS D 106 63.55 -5.98 -11.06
C HIS D 106 64.18 -4.63 -11.39
N LEU D 107 63.38 -3.66 -11.83
CA LEU D 107 63.89 -2.32 -12.06
C LEU D 107 64.39 -1.69 -10.77
N HIS D 108 63.66 -1.90 -9.67
CA HIS D 108 64.10 -1.37 -8.38
C HIS D 108 65.43 -1.96 -7.97
N ARG D 109 65.62 -3.28 -8.20
CA ARG D 109 66.88 -3.92 -7.89
C ARG D 109 68.01 -3.37 -8.77
N HIS D 110 67.73 -3.16 -10.06
CA HIS D 110 68.74 -2.58 -10.94
C HIS D 110 69.15 -1.19 -10.47
N LEU D 111 68.19 -0.38 -10.04
CA LEU D 111 68.50 0.98 -9.60
C LEU D 111 69.26 0.96 -8.28
N LYS D 112 68.84 0.12 -7.33
CA LYS D 112 69.46 0.12 -6.00
C LYS D 112 70.85 -0.50 -6.02
N LYS D 113 71.01 -1.63 -6.71
CA LYS D 113 72.28 -2.35 -6.68
C LYS D 113 73.30 -1.74 -7.64
N ASP D 114 72.96 -1.69 -8.93
CA ASP D 114 73.92 -1.21 -9.92
C ASP D 114 74.13 0.29 -9.80
N GLY D 115 73.06 1.07 -9.98
CA GLY D 115 73.18 2.52 -9.94
C GLY D 115 74.04 3.07 -11.06
N CYS D 116 73.59 2.90 -12.31
CA CYS D 116 74.38 3.34 -13.45
C CYS D 116 74.50 4.86 -13.53
N ASN D 117 73.60 5.60 -12.89
CA ASN D 117 73.68 7.05 -12.86
C ASN D 117 72.87 7.63 -11.70
N PHE G 7 -22.57 -17.27 -0.47
CA PHE G 7 -23.22 -15.97 -0.25
C PHE G 7 -22.98 -15.49 1.18
N GLN G 8 -23.44 -14.27 1.48
CA GLN G 8 -23.29 -13.68 2.80
C GLN G 8 -24.65 -13.25 3.33
N LYS G 9 -24.75 -13.19 4.65
CA LYS G 9 -25.95 -12.73 5.33
C LYS G 9 -25.83 -11.26 5.70
N CYS G 10 -26.96 -10.58 5.71
CA CYS G 10 -26.96 -9.16 6.04
C CYS G 10 -26.61 -8.95 7.51
N PRO G 11 -25.68 -8.05 7.82
CA PRO G 11 -25.34 -7.82 9.23
C PRO G 11 -26.47 -7.22 10.05
N ILE G 12 -27.49 -6.65 9.41
CA ILE G 12 -28.57 -5.98 10.13
C ILE G 12 -29.77 -6.91 10.24
N CYS G 13 -30.35 -7.30 9.11
CA CYS G 13 -31.59 -8.07 9.10
C CYS G 13 -31.37 -9.58 9.03
N GLU G 14 -30.12 -10.03 8.99
CA GLU G 14 -29.76 -11.45 9.00
C GLU G 14 -30.34 -12.22 7.81
N LYS G 15 -30.61 -11.53 6.70
CA LYS G 15 -31.12 -12.18 5.50
C LYS G 15 -29.97 -12.51 4.56
N VAL G 16 -30.02 -13.70 3.97
CA VAL G 16 -28.98 -14.15 3.06
C VAL G 16 -29.16 -13.45 1.71
N ILE G 17 -28.12 -12.74 1.27
CA ILE G 17 -28.10 -12.09 -0.03
C ILE G 17 -27.11 -12.84 -0.91
N GLN G 18 -27.59 -13.30 -2.06
CA GLN G 18 -26.77 -14.08 -2.97
C GLN G 18 -26.12 -13.19 -4.02
N GLY G 19 -24.97 -13.61 -4.51
CA GLY G 19 -24.21 -12.83 -5.46
C GLY G 19 -23.08 -12.07 -4.82
N ALA G 20 -21.87 -12.26 -5.32
CA ALA G 20 -20.71 -11.59 -4.75
C ALA G 20 -20.77 -10.09 -5.00
N GLY G 21 -20.57 -9.31 -3.94
CA GLY G 21 -20.61 -7.86 -4.04
C GLY G 21 -21.99 -7.24 -4.08
N LYS G 22 -23.05 -8.05 -3.99
CA LYS G 22 -24.42 -7.55 -4.03
C LYS G 22 -24.96 -7.17 -2.66
N LEU G 23 -24.16 -7.32 -1.61
CA LEU G 23 -24.59 -7.02 -0.25
C LEU G 23 -24.72 -5.51 0.01
N PRO G 24 -23.79 -4.66 -0.46
CA PRO G 24 -24.01 -3.21 -0.27
C PRO G 24 -25.31 -2.71 -0.89
N ARG G 25 -25.70 -3.26 -2.03
CA ARG G 25 -26.97 -2.87 -2.64
C ARG G 25 -28.14 -3.16 -1.72
N HIS G 26 -28.12 -4.31 -1.05
CA HIS G 26 -29.19 -4.63 -0.10
C HIS G 26 -29.10 -3.74 1.15
N ILE G 27 -27.89 -3.49 1.64
CA ILE G 27 -27.73 -2.72 2.87
C ILE G 27 -28.19 -1.28 2.68
N ARG G 28 -28.00 -0.72 1.47
CA ARG G 28 -28.49 0.63 1.20
C ARG G 28 -30.00 0.74 1.36
N THR G 29 -30.73 -0.37 1.25
CA THR G 29 -32.17 -0.33 1.52
C THR G 29 -32.44 -0.02 2.98
N HIS G 30 -31.62 -0.56 3.89
CA HIS G 30 -31.78 -0.25 5.31
C HIS G 30 -31.23 1.13 5.64
N THR G 31 -30.02 1.44 5.17
CA THR G 31 -29.39 2.71 5.53
C THR G 31 -30.06 3.89 4.84
N GLY G 32 -30.66 3.67 3.67
CA GLY G 32 -31.18 4.76 2.89
C GLY G 32 -30.15 5.49 2.07
N GLU G 33 -28.93 4.95 1.95
CA GLU G 33 -27.88 5.60 1.20
C GLU G 33 -28.19 5.58 -0.29
N LYS G 34 -28.07 6.74 -0.94
CA LYS G 34 -28.31 6.88 -2.37
C LYS G 34 -27.09 7.56 -3.00
N PRO G 35 -26.03 6.79 -3.28
CA PRO G 35 -24.80 7.39 -3.82
C PRO G 35 -24.88 7.77 -5.28
N TYR G 36 -25.92 7.37 -6.00
CA TYR G 36 -26.07 7.65 -7.42
C TYR G 36 -27.11 8.75 -7.62
N GLU G 37 -26.72 9.80 -8.33
CA GLU G 37 -27.58 10.97 -8.53
C GLU G 37 -27.66 11.32 -10.00
N CYS G 38 -28.86 11.69 -10.44
CA CYS G 38 -29.08 12.26 -11.76
C CYS G 38 -28.92 13.77 -11.66
N ASN G 39 -28.01 14.34 -12.43
CA ASN G 39 -27.76 15.77 -12.40
C ASN G 39 -28.65 16.55 -13.35
N ILE G 40 -29.59 15.88 -14.01
CA ILE G 40 -30.54 16.56 -14.88
C ILE G 40 -31.78 17.01 -14.11
N CYS G 41 -32.40 16.09 -13.36
CA CYS G 41 -33.58 16.39 -12.58
C CYS G 41 -33.32 16.35 -11.07
N LYS G 42 -32.05 16.24 -10.66
CA LYS G 42 -31.62 16.32 -9.26
C LYS G 42 -32.16 15.17 -8.40
N VAL G 43 -32.73 14.14 -9.01
CA VAL G 43 -33.31 13.03 -8.26
C VAL G 43 -32.24 11.99 -7.97
N ARG G 44 -32.22 11.50 -6.75
CA ARG G 44 -31.24 10.50 -6.30
C ARG G 44 -31.75 9.09 -6.51
N PHE G 45 -30.81 8.15 -6.63
CA PHE G 45 -31.13 6.73 -6.76
C PHE G 45 -30.13 5.93 -5.94
N THR G 46 -30.55 4.74 -5.52
CA THR G 46 -29.72 3.88 -4.68
C THR G 46 -28.85 2.91 -5.47
N ARG G 47 -29.16 2.69 -6.75
CA ARG G 47 -28.47 1.69 -7.55
C ARG G 47 -28.08 2.26 -8.89
N GLN G 48 -27.01 1.72 -9.47
CA GLN G 48 -26.51 2.21 -10.75
C GLN G 48 -27.44 1.85 -11.90
N ASP G 49 -27.98 0.62 -11.89
CA ASP G 49 -28.86 0.20 -12.98
C ASP G 49 -30.16 1.01 -12.98
N LYS G 50 -30.70 1.33 -11.80
CA LYS G 50 -31.89 2.17 -11.73
C LYS G 50 -31.61 3.56 -12.29
N LEU G 51 -30.43 4.12 -11.98
CA LEU G 51 -30.06 5.41 -12.54
C LEU G 51 -29.91 5.33 -14.05
N LYS G 52 -29.35 4.23 -14.57
CA LYS G 52 -29.23 4.06 -16.01
C LYS G 52 -30.61 3.99 -16.66
N VAL G 53 -31.55 3.27 -16.04
CA VAL G 53 -32.91 3.20 -16.57
C VAL G 53 -33.58 4.58 -16.54
N HIS G 54 -33.36 5.33 -15.46
CA HIS G 54 -33.92 6.68 -15.39
C HIS G 54 -33.34 7.58 -16.48
N MET G 55 -32.04 7.46 -16.74
CA MET G 55 -31.43 8.23 -17.83
C MET G 55 -32.00 7.82 -19.18
N ARG G 56 -32.21 6.52 -19.37
CA ARG G 56 -32.83 6.04 -20.60
C ARG G 56 -34.24 6.60 -20.76
N LYS G 57 -34.96 6.78 -19.65
CA LYS G 57 -36.28 7.39 -19.70
C LYS G 57 -36.18 8.88 -20.03
N HIS G 58 -35.21 9.58 -19.44
CA HIS G 58 -35.12 11.03 -19.60
C HIS G 58 -34.87 11.42 -21.05
N THR G 59 -33.98 10.71 -21.73
CA THR G 59 -33.61 11.04 -23.10
C THR G 59 -34.66 10.62 -24.12
N GLY G 60 -35.67 9.86 -23.72
CA GLY G 60 -36.65 9.34 -24.65
C GLY G 60 -36.19 8.15 -25.46
N GLU G 61 -35.10 7.51 -25.07
CA GLU G 61 -34.58 6.37 -25.80
C GLU G 61 -35.56 5.20 -25.73
N LYS G 62 -35.73 4.52 -26.87
CA LYS G 62 -36.60 3.35 -26.98
C LYS G 62 -35.81 2.22 -27.61
N PRO G 63 -34.94 1.56 -26.83
CA PRO G 63 -34.07 0.53 -27.41
C PRO G 63 -34.73 -0.83 -27.58
N TYR G 64 -35.77 -1.13 -26.82
CA TYR G 64 -36.41 -2.44 -26.87
C TYR G 64 -37.36 -2.46 -28.07
N LEU G 65 -37.02 -3.26 -29.08
CA LEU G 65 -37.74 -3.29 -30.35
C LEU G 65 -38.53 -4.59 -30.47
N CYS G 66 -39.79 -4.47 -30.90
CA CYS G 66 -40.61 -5.65 -31.15
C CYS G 66 -40.10 -6.38 -32.40
N GLN G 67 -39.92 -7.68 -32.29
CA GLN G 67 -39.39 -8.49 -33.38
C GLN G 67 -40.47 -8.96 -34.35
N GLN G 68 -41.74 -8.64 -34.08
CA GLN G 68 -42.84 -9.02 -34.96
C GLN G 68 -43.53 -7.85 -35.63
N CYS G 69 -43.40 -6.65 -35.06
CA CYS G 69 -44.02 -5.46 -35.63
C CYS G 69 -43.11 -4.25 -35.68
N GLY G 70 -41.98 -4.25 -34.99
CA GLY G 70 -41.05 -3.14 -35.03
C GLY G 70 -41.30 -2.04 -34.02
N ALA G 71 -42.23 -2.23 -33.09
CA ALA G 71 -42.51 -1.20 -32.09
C ALA G 71 -41.33 -1.08 -31.12
N ALA G 72 -41.05 0.15 -30.71
CA ALA G 72 -39.93 0.46 -29.82
C ALA G 72 -40.45 0.96 -28.48
N PHE G 73 -39.77 0.57 -27.41
CA PHE G 73 -40.17 0.93 -26.06
C PHE G 73 -38.95 1.24 -25.21
N ALA G 74 -39.15 2.08 -24.19
CA ALA G 74 -38.05 2.49 -23.32
C ALA G 74 -37.65 1.39 -22.34
N HIS G 75 -38.59 0.51 -21.97
CA HIS G 75 -38.34 -0.52 -20.98
C HIS G 75 -38.71 -1.88 -21.55
N ASN G 76 -38.18 -2.93 -20.92
CA ASN G 76 -38.40 -4.29 -21.42
C ASN G 76 -39.82 -4.76 -21.12
N TYR G 77 -40.36 -4.40 -19.96
CA TYR G 77 -41.72 -4.85 -19.64
C TYR G 77 -42.74 -4.22 -20.57
N ASP G 78 -42.49 -3.01 -21.07
CA ASP G 78 -43.34 -2.45 -22.12
C ASP G 78 -43.28 -3.30 -23.38
N LEU G 79 -42.08 -3.76 -23.73
CA LEU G 79 -41.92 -4.61 -24.90
C LEU G 79 -42.70 -5.92 -24.75
N LYS G 80 -42.60 -6.55 -23.57
CA LYS G 80 -43.34 -7.79 -23.36
C LYS G 80 -44.85 -7.55 -23.29
N ASN G 81 -45.27 -6.40 -22.76
CA ASN G 81 -46.70 -6.07 -22.78
C ASN G 81 -47.20 -5.92 -24.21
N HIS G 82 -46.41 -5.29 -25.07
CA HIS G 82 -46.79 -5.21 -26.49
C HIS G 82 -46.83 -6.58 -27.13
N MET G 83 -45.84 -7.43 -26.84
CA MET G 83 -45.83 -8.79 -27.39
C MET G 83 -47.02 -9.59 -26.90
N ARG G 84 -47.54 -9.29 -25.72
CA ARG G 84 -48.71 -9.99 -25.20
C ARG G 84 -49.99 -9.64 -25.93
N VAL G 85 -49.97 -8.65 -26.82
CA VAL G 85 -51.18 -8.25 -27.53
C VAL G 85 -51.33 -8.96 -28.88
N HIS G 86 -50.22 -9.34 -29.51
CA HIS G 86 -50.30 -10.00 -30.81
C HIS G 86 -51.04 -11.33 -30.71
N THR G 87 -50.74 -12.12 -29.69
CA THR G 87 -51.42 -13.37 -29.43
C THR G 87 -52.04 -13.31 -28.04
N GLY G 88 -53.24 -13.88 -27.90
CA GLY G 88 -53.86 -13.96 -26.60
C GLY G 88 -52.97 -14.74 -25.65
N LEU G 89 -52.31 -14.03 -24.73
CA LEU G 89 -51.27 -14.67 -23.93
C LEU G 89 -51.88 -15.40 -22.73
N ARG G 90 -52.49 -14.64 -21.81
CA ARG G 90 -52.97 -15.16 -20.53
C ARG G 90 -51.89 -16.07 -19.92
N PRO G 91 -50.66 -15.57 -19.78
CA PRO G 91 -49.54 -16.49 -19.49
C PRO G 91 -49.63 -17.17 -18.13
N TYR G 92 -50.18 -16.50 -17.12
CA TYR G 92 -50.24 -17.05 -15.78
C TYR G 92 -51.63 -17.64 -15.56
N GLN G 93 -51.68 -18.95 -15.31
CA GLN G 93 -52.92 -19.69 -15.20
C GLN G 93 -53.07 -20.26 -13.79
N CYS G 94 -54.29 -20.21 -13.27
CA CYS G 94 -54.58 -20.73 -11.94
C CYS G 94 -54.84 -22.23 -12.02
N ASP G 95 -54.10 -23.01 -11.22
CA ASP G 95 -54.26 -24.45 -11.19
C ASP G 95 -55.37 -24.90 -10.24
N SER G 96 -56.00 -23.98 -9.51
CA SER G 96 -57.04 -24.31 -8.56
C SER G 96 -58.44 -23.91 -9.01
N CYS G 97 -58.57 -22.84 -9.79
CA CYS G 97 -59.87 -22.37 -10.25
C CYS G 97 -59.96 -22.22 -11.76
N CYS G 98 -58.88 -22.46 -12.50
CA CYS G 98 -58.87 -22.37 -13.96
C CYS G 98 -59.26 -20.96 -14.44
N LYS G 99 -58.65 -19.96 -13.81
CA LYS G 99 -58.82 -18.57 -14.21
C LYS G 99 -57.51 -18.03 -14.76
N THR G 100 -57.59 -17.17 -15.77
CA THR G 100 -56.42 -16.68 -16.47
C THR G 100 -56.15 -15.23 -16.14
N PHE G 101 -54.87 -14.86 -16.17
CA PHE G 101 -54.43 -13.50 -15.91
C PHE G 101 -53.27 -13.16 -16.83
N VAL G 102 -53.02 -11.87 -17.00
CA VAL G 102 -52.00 -11.41 -17.93
C VAL G 102 -50.67 -11.08 -17.26
N ARG G 103 -50.65 -10.91 -15.95
CA ARG G 103 -49.42 -10.59 -15.24
C ARG G 103 -49.34 -11.40 -13.95
N SER G 104 -48.11 -11.58 -13.47
CA SER G 104 -47.88 -12.47 -12.33
C SER G 104 -48.55 -11.96 -11.07
N ASP G 105 -48.52 -10.63 -10.85
CA ASP G 105 -49.13 -10.08 -9.64
C ASP G 105 -50.63 -10.31 -9.60
N HIS G 106 -51.28 -10.36 -10.77
CA HIS G 106 -52.71 -10.67 -10.81
C HIS G 106 -52.97 -12.08 -10.27
N LEU G 107 -52.17 -13.05 -10.73
CA LEU G 107 -52.32 -14.41 -10.24
C LEU G 107 -52.01 -14.51 -8.75
N HIS G 108 -50.98 -13.79 -8.30
CA HIS G 108 -50.65 -13.79 -6.88
C HIS G 108 -51.79 -13.21 -6.05
N ARG G 109 -52.39 -12.11 -6.52
CA ARG G 109 -53.52 -11.52 -5.82
C ARG G 109 -54.71 -12.47 -5.78
N HIS G 110 -54.99 -13.16 -6.90
CA HIS G 110 -56.09 -14.12 -6.91
C HIS G 110 -55.84 -15.25 -5.94
N LEU G 111 -54.60 -15.76 -5.89
CA LEU G 111 -54.27 -16.84 -4.96
C LEU G 111 -54.40 -16.37 -3.51
N LYS G 112 -53.95 -15.15 -3.21
CA LYS G 112 -53.96 -14.68 -1.83
C LYS G 112 -55.38 -14.35 -1.36
N LYS G 113 -56.21 -13.80 -2.25
CA LYS G 113 -57.52 -13.30 -1.84
C LYS G 113 -58.55 -14.44 -1.76
N ASP G 114 -58.80 -15.11 -2.89
CA ASP G 114 -59.87 -16.09 -2.95
C ASP G 114 -59.51 -17.35 -2.18
N GLY G 115 -58.45 -18.04 -2.60
CA GLY G 115 -58.09 -19.31 -1.99
C GLY G 115 -58.94 -20.45 -2.51
N CYS G 116 -58.88 -20.70 -3.81
CA CYS G 116 -59.71 -21.74 -4.41
C CYS G 116 -59.34 -23.12 -3.86
N ASN G 117 -58.05 -23.41 -3.75
CA ASN G 117 -57.59 -24.70 -3.25
C ASN G 117 -56.14 -24.61 -2.78
C1 EDO J . 3.09 28.47 9.65
O1 EDO J . 2.48 28.15 10.89
C2 EDO J . 4.52 28.93 9.88
O2 EDO J . 5.25 27.90 10.55
C1 EDO K . -23.90 13.70 21.08
O1 EDO K . -23.47 14.95 21.64
C2 EDO K . -23.84 12.62 22.14
O2 EDO K . -24.35 11.39 21.61
ZN ZN L . -19.69 -2.97 16.02
ZN ZN M . -18.03 17.40 36.17
ZN ZN N . -10.94 13.31 -4.34
ZN ZN O . 8.31 22.50 15.80
C1 EDO P . -44.12 20.50 18.64
O1 EDO P . -44.52 21.71 19.31
C2 EDO P . -45.21 19.44 18.79
O2 EDO P . -45.42 19.17 20.19
C1 EDO Q . 38.45 -21.22 5.37
O1 EDO Q . 38.37 -22.64 5.23
C2 EDO Q . 37.70 -20.55 4.22
O2 EDO Q . 36.38 -21.10 4.13
ZN ZN R . 44.32 -24.33 2.84
ZN ZN S . 51.51 0.16 14.08
ZN ZN T . 45.06 -13.22 -23.60
ZN ZN U . 70.15 1.55 -15.45
C1 EDO V . 41.64 -0.53 -6.32
O1 EDO V . 42.07 0.59 -5.53
C2 EDO V . 40.62 -1.35 -5.52
O2 EDO V . 39.53 -0.51 -5.13
ZN ZN W . -33.27 12.45 -14.30
ZN ZN X . -30.63 -6.40 5.53
ZN ZN Y . -45.55 -6.22 -31.66
ZN ZN Z . -57.83 -19.58 -8.22
#